data_5VYL
#
_entry.id   5VYL
#
_cell.length_a   138.232
_cell.length_b   138.232
_cell.length_c   164.220
_cell.angle_alpha   90.00
_cell.angle_beta   90.00
_cell.angle_gamma   120.00
#
_symmetry.space_group_name_H-M   'P 61 2 2'
#
loop_
_entity.id
_entity.type
_entity.pdbx_description
1 polymer 'Inner tegument protein'
2 non-polymer 'SODIUM ION'
3 water water
#
_entity_poly.entity_id   1
_entity_poly.type   'polypeptide(L)'
_entity_poly.pdbx_seq_one_letter_code
;GPGSMADRGLPSEAPVVTTSPAGPPSDGPMQRLLASLAGLRQPPTPTAETANGADDPAFLATAKLRAAMAAFLLSGTAIA
PADARDCWRPLLEHLCALHRAHGLPETALLAENLPGLLVHRLVVALPEAPDQAFREMEVIKDTILAVTGSDTSHALDSAG
LRTAAALGPVRVRQCAVEWIDRWQTVTKSCLAMSPRTSIEALGETSLKMAPVPLGQPSANLTTPAYSLLFPAPFVQEGLR
FLALVSNRVTLFSAHLQRIDDATLTPLTRALFTLALVDEYLTTPERGAVVPPPLLAQFQHTVREIDPAIMIPPLEANKMV
RSREEVRVSTALSRVSPRSACAPPGTLMARVRTDVAVFDPDVPFLSSSALAVFQPAVSSLLQLGEQPSAGAQQRLLALLQ
QTWTLIQNTNSPSVVINTLIDAGFTPSHCTHYLSALEGFLAAGVPARTPTGHGLGEVQQLFGCIALAGSNVFGLAREYGY
YANYVKTFRRVQGASEHTHGRLCEAVGLSGGVLSQTLARIMGPAVPTEHLASLRRALVGEFETAERRFSSGQPSLLRETA
LIWIDVYGQTHWDITPTTP
;
_entity_poly.pdbx_strand_id   A
#
loop_
_chem_comp.id
_chem_comp.type
_chem_comp.name
_chem_comp.formula
NA non-polymer 'SODIUM ION' 'Na 1'
#
# COMPACT_ATOMS: atom_id res chain seq x y z
N SER A 26 -6.58 -33.70 10.91
CA SER A 26 -5.81 -32.47 10.75
C SER A 26 -4.36 -32.81 10.60
N ASP A 27 -3.88 -32.75 9.35
CA ASP A 27 -2.46 -32.75 9.10
C ASP A 27 -2.02 -31.39 8.58
N GLY A 28 -0.75 -31.06 8.85
CA GLY A 28 -0.12 -29.86 8.35
C GLY A 28 1.37 -30.11 8.33
N PRO A 29 2.12 -29.26 7.64
CA PRO A 29 3.56 -29.50 7.51
C PRO A 29 4.28 -29.70 8.85
N MET A 30 4.10 -28.75 9.77
CA MET A 30 4.65 -28.89 11.12
C MET A 30 4.10 -30.12 11.82
N GLN A 31 2.82 -30.41 11.61
CA GLN A 31 2.24 -31.61 12.20
C GLN A 31 2.85 -32.87 11.57
N ARG A 32 3.01 -32.86 10.25
CA ARG A 32 3.56 -34.02 9.54
C ARG A 32 4.97 -34.33 10.02
N LEU A 33 5.82 -33.30 10.14
CA LEU A 33 7.18 -33.53 10.59
C LEU A 33 7.25 -33.79 12.09
N LEU A 34 6.28 -33.30 12.87
CA LEU A 34 6.20 -33.68 14.28
C LEU A 34 5.96 -35.19 14.41
N ALA A 35 4.92 -35.69 13.73
CA ALA A 35 4.63 -37.12 13.81
C ALA A 35 5.78 -37.95 13.23
N SER A 36 6.37 -37.48 12.13
CA SER A 36 7.53 -38.18 11.57
C SER A 36 8.69 -38.20 12.54
N LEU A 37 8.86 -37.14 13.33
CA LEU A 37 10.05 -37.01 14.15
C LEU A 37 9.90 -37.76 15.47
N ALA A 38 8.67 -37.93 15.95
CA ALA A 38 8.43 -38.69 17.17
C ALA A 38 8.81 -40.16 16.99
N GLY A 39 8.51 -40.75 15.83
CA GLY A 39 8.86 -42.13 15.59
C GLY A 39 10.35 -42.35 15.49
N LEU A 40 11.11 -41.32 15.11
CA LEU A 40 12.56 -41.44 15.04
C LEU A 40 13.20 -41.53 16.42
N ARG A 41 12.50 -41.10 17.49
CA ARG A 41 13.14 -40.96 18.79
C ARG A 41 13.21 -42.28 19.56
N GLN A 42 12.37 -43.25 19.21
CA GLN A 42 12.25 -44.47 20.00
C GLN A 42 13.45 -45.41 19.79
N PHE A 59 22.94 -45.52 8.51
CA PHE A 59 22.49 -44.32 9.20
C PHE A 59 21.06 -44.01 8.78
N LEU A 60 20.11 -44.85 9.20
CA LEU A 60 18.75 -44.74 8.69
C LEU A 60 18.05 -43.51 9.25
N ALA A 61 18.22 -43.26 10.56
CA ALA A 61 17.69 -42.05 11.16
C ALA A 61 18.28 -40.80 10.54
N THR A 62 19.52 -40.90 10.02
CA THR A 62 20.17 -39.79 9.35
C THR A 62 19.44 -39.40 8.07
N ALA A 63 19.32 -40.35 7.13
CA ALA A 63 18.65 -40.06 5.87
C ALA A 63 17.20 -39.66 6.09
N LYS A 64 16.50 -40.37 6.98
CA LYS A 64 15.08 -40.10 7.19
C LYS A 64 14.86 -38.73 7.83
N LEU A 65 15.41 -38.55 9.04
CA LEU A 65 15.43 -37.26 9.71
C LEU A 65 15.75 -36.11 8.77
N ARG A 66 16.87 -36.24 8.05
CA ARG A 66 17.43 -35.10 7.33
C ARG A 66 16.58 -34.77 6.11
N ALA A 67 16.16 -35.79 5.36
CA ALA A 67 15.20 -35.59 4.28
C ALA A 67 13.89 -35.02 4.80
N ALA A 68 13.54 -35.32 6.05
CA ALA A 68 12.32 -34.77 6.64
C ALA A 68 12.45 -33.27 6.87
N MET A 69 13.58 -32.84 7.45
CA MET A 69 13.82 -31.41 7.58
C MET A 69 13.78 -30.72 6.23
N ALA A 70 14.50 -31.28 5.26
CA ALA A 70 14.47 -30.72 3.90
C ALA A 70 13.04 -30.63 3.37
N ALA A 71 12.18 -31.59 3.73
CA ALA A 71 10.81 -31.55 3.24
C ALA A 71 9.97 -30.52 3.98
N PHE A 72 10.28 -30.24 5.24
CA PHE A 72 9.55 -29.21 5.98
C PHE A 72 9.92 -27.82 5.48
N LEU A 73 11.20 -27.59 5.18
CA LEU A 73 11.62 -26.23 4.85
C LEU A 73 10.96 -25.72 3.57
N LEU A 74 10.67 -26.59 2.60
CA LEU A 74 9.90 -26.17 1.42
C LEU A 74 8.65 -27.02 1.26
N SER A 75 7.79 -27.04 2.28
CA SER A 75 6.44 -27.55 2.08
C SER A 75 5.59 -26.43 1.50
N GLY A 76 4.72 -26.81 0.57
CA GLY A 76 3.92 -25.81 -0.14
C GLY A 76 3.05 -25.00 0.81
N THR A 77 2.28 -25.68 1.65
CA THR A 77 1.37 -25.00 2.56
C THR A 77 2.14 -24.25 3.63
N ALA A 78 1.39 -23.47 4.41
CA ALA A 78 1.96 -22.66 5.48
C ALA A 78 1.22 -22.97 6.77
N ILE A 79 1.81 -22.54 7.88
CA ILE A 79 1.33 -22.88 9.22
C ILE A 79 0.26 -21.89 9.65
N ALA A 80 -0.90 -22.43 10.18
CA ALA A 80 -1.93 -21.65 10.85
C ALA A 80 -1.54 -21.42 12.30
N PRO A 81 -1.97 -20.30 12.90
CA PRO A 81 -1.59 -20.02 14.30
C PRO A 81 -1.92 -21.16 15.27
N ALA A 82 -3.08 -21.79 15.11
CA ALA A 82 -3.46 -22.87 16.01
C ALA A 82 -2.47 -24.03 15.94
N ASP A 83 -2.03 -24.38 14.73
CA ASP A 83 -1.07 -25.48 14.57
C ASP A 83 0.23 -25.16 15.28
N ALA A 84 0.77 -23.95 15.06
CA ALA A 84 2.01 -23.56 15.72
C ALA A 84 1.85 -23.60 17.24
N ARG A 85 0.68 -23.19 17.73
CA ARG A 85 0.49 -23.11 19.18
C ARG A 85 0.34 -24.49 19.81
N ASP A 86 -0.31 -25.42 19.12
CA ASP A 86 -0.48 -26.76 19.69
C ASP A 86 0.78 -27.60 19.53
N CYS A 87 1.51 -27.41 18.43
CA CYS A 87 2.58 -28.30 18.02
C CYS A 87 3.97 -27.74 18.28
N TRP A 88 4.08 -26.50 18.78
CA TRP A 88 5.40 -25.92 19.00
C TRP A 88 6.18 -26.68 20.05
N ARG A 89 5.53 -26.99 21.18
CA ARG A 89 6.22 -27.61 22.30
C ARG A 89 6.78 -29.00 21.96
N PRO A 90 5.97 -30.00 21.58
CA PRO A 90 6.53 -31.37 21.44
C PRO A 90 7.55 -31.47 20.32
N LEU A 91 7.30 -30.77 19.20
CA LEU A 91 8.26 -30.77 18.10
C LEU A 91 9.61 -30.21 18.55
N LEU A 92 9.59 -29.14 19.34
CA LEU A 92 10.84 -28.55 19.81
C LEU A 92 11.54 -29.46 20.80
N GLU A 93 10.78 -30.10 21.69
CA GLU A 93 11.39 -31.05 22.63
C GLU A 93 12.06 -32.21 21.89
N HIS A 94 11.30 -32.89 21.02
CA HIS A 94 11.85 -33.99 20.24
C HIS A 94 13.04 -33.54 19.42
N LEU A 95 12.99 -32.32 18.89
CA LEU A 95 14.10 -31.83 18.07
C LEU A 95 15.33 -31.54 18.90
N CYS A 96 15.16 -31.09 20.15
CA CYS A 96 16.31 -30.77 20.99
C CYS A 96 16.96 -32.03 21.57
N ALA A 97 16.14 -33.01 21.98
CA ALA A 97 16.71 -34.25 22.51
C ALA A 97 17.29 -35.10 21.40
N LEU A 98 16.52 -35.32 20.33
CA LEU A 98 17.01 -36.05 19.16
C LEU A 98 18.23 -35.35 18.58
N HIS A 99 18.26 -34.02 18.67
CA HIS A 99 19.51 -33.31 18.43
C HIS A 99 20.61 -33.76 19.38
N ARG A 100 20.30 -33.82 20.68
CA ARG A 100 21.33 -34.09 21.70
C ARG A 100 22.02 -35.41 21.43
N ALA A 101 21.25 -36.43 21.03
CA ALA A 101 21.82 -37.77 20.90
C ALA A 101 22.81 -37.86 19.75
N HIS A 102 22.59 -37.08 18.69
CA HIS A 102 23.28 -37.27 17.41
C HIS A 102 24.23 -36.14 17.06
N GLY A 103 23.87 -34.89 17.34
CA GLY A 103 24.82 -33.81 17.20
C GLY A 103 25.14 -33.41 15.78
N LEU A 104 24.13 -33.34 14.91
CA LEU A 104 24.29 -32.86 13.55
C LEU A 104 24.14 -31.35 13.51
N PRO A 105 24.82 -30.66 12.60
CA PRO A 105 24.68 -29.20 12.52
C PRO A 105 23.28 -28.77 12.14
N GLU A 106 22.54 -29.64 11.45
CA GLU A 106 21.26 -29.26 10.87
C GLU A 106 20.18 -29.17 11.93
N THR A 107 20.10 -30.20 12.78
CA THR A 107 19.25 -30.12 13.96
C THR A 107 19.57 -28.86 14.77
N ALA A 108 20.86 -28.61 15.01
CA ALA A 108 21.28 -27.44 15.77
C ALA A 108 20.73 -26.16 15.14
N LEU A 109 20.84 -26.02 13.82
CA LEU A 109 20.39 -24.79 13.18
C LEU A 109 18.88 -24.67 13.22
N LEU A 110 18.15 -25.69 12.73
CA LEU A 110 16.70 -25.58 12.72
C LEU A 110 16.16 -25.30 14.12
N ALA A 111 16.77 -25.90 15.14
CA ALA A 111 16.35 -25.59 16.51
C ALA A 111 16.67 -24.14 16.86
N GLU A 112 17.88 -23.68 16.52
CA GLU A 112 18.29 -22.31 16.84
C GLU A 112 17.48 -21.25 16.09
N ASN A 113 16.91 -21.58 14.94
CA ASN A 113 16.21 -20.59 14.13
C ASN A 113 14.83 -21.06 13.68
N LEU A 114 14.21 -21.96 14.41
CA LEU A 114 12.85 -22.37 14.08
C LEU A 114 11.81 -21.28 14.34
N PRO A 115 11.98 -20.39 15.34
CA PRO A 115 11.01 -19.28 15.47
C PRO A 115 10.88 -18.45 14.20
N GLY A 116 11.99 -17.96 13.67
CA GLY A 116 11.93 -17.12 12.48
C GLY A 116 11.44 -17.88 11.26
N LEU A 117 11.90 -19.12 11.10
CA LEU A 117 11.40 -19.93 10.00
C LEU A 117 9.92 -20.23 10.14
N LEU A 118 9.37 -20.14 11.35
CA LEU A 118 7.93 -20.32 11.53
C LEU A 118 7.16 -19.05 11.20
N VAL A 119 7.71 -17.88 11.59
CA VAL A 119 6.98 -16.64 11.32
C VAL A 119 7.04 -16.26 9.85
N HIS A 120 8.05 -16.76 9.13
CA HIS A 120 8.17 -16.81 7.69
C HIS A 120 7.05 -17.56 6.98
N ARG A 121 6.32 -18.41 7.71
CA ARG A 121 5.33 -19.29 7.13
C ARG A 121 4.02 -19.29 7.93
N LEU A 122 3.77 -18.23 8.69
CA LEU A 122 2.57 -18.13 9.51
C LEU A 122 1.55 -17.28 8.77
N VAL A 123 0.42 -17.89 8.40
CA VAL A 123 -0.55 -17.23 7.54
C VAL A 123 -1.22 -16.08 8.29
N VAL A 124 -1.51 -15.00 7.55
CA VAL A 124 -2.17 -13.82 8.10
C VAL A 124 -3.29 -13.41 7.13
N ALA A 125 -4.49 -13.23 7.66
CA ALA A 125 -5.63 -12.74 6.91
C ALA A 125 -6.25 -11.58 7.67
N LEU A 126 -6.20 -10.38 7.10
CA LEU A 126 -6.73 -9.29 7.91
C LEU A 126 -8.09 -8.85 7.39
N PRO A 127 -9.06 -8.67 8.29
CA PRO A 127 -10.38 -8.22 7.86
C PRO A 127 -10.38 -6.74 7.52
N GLU A 128 -11.48 -6.29 6.91
CA GLU A 128 -11.56 -4.88 6.52
C GLU A 128 -11.78 -3.98 7.73
N ALA A 129 -12.60 -4.44 8.67
CA ALA A 129 -12.92 -3.62 9.83
C ALA A 129 -11.70 -3.47 10.73
N PRO A 130 -11.49 -2.28 11.32
CA PRO A 130 -10.33 -2.11 12.19
C PRO A 130 -10.33 -3.00 13.42
N ASP A 131 -11.46 -3.09 14.14
CA ASP A 131 -11.52 -3.94 15.33
C ASP A 131 -11.06 -5.35 15.03
N GLN A 132 -11.65 -5.96 14.00
CA GLN A 132 -11.27 -7.31 13.60
C GLN A 132 -9.80 -7.38 13.19
N ALA A 133 -9.25 -6.30 12.66
CA ALA A 133 -7.87 -6.32 12.20
C ALA A 133 -6.88 -6.29 13.37
N PHE A 134 -7.11 -5.40 14.34
CA PHE A 134 -6.20 -5.33 15.48
C PHE A 134 -6.34 -6.57 16.35
N ARG A 135 -7.57 -7.06 16.53
CA ARG A 135 -7.80 -8.35 17.18
C ARG A 135 -7.00 -9.45 16.50
N GLU A 136 -7.20 -9.59 15.19
CA GLU A 136 -6.54 -10.64 14.43
C GLU A 136 -5.02 -10.53 14.53
N MET A 137 -4.49 -9.31 14.51
CA MET A 137 -3.04 -9.15 14.65
C MET A 137 -2.61 -9.56 16.06
N GLU A 138 -3.45 -9.27 17.05
CA GLU A 138 -3.10 -9.57 18.44
C GLU A 138 -2.96 -11.07 18.65
N VAL A 139 -3.82 -11.88 18.02
CA VAL A 139 -3.67 -13.33 18.18
C VAL A 139 -2.29 -13.78 17.68
N ILE A 140 -1.77 -13.12 16.64
CA ILE A 140 -0.45 -13.49 16.15
C ILE A 140 0.64 -13.00 17.10
N LYS A 141 0.46 -11.81 17.67
CA LYS A 141 1.40 -11.35 18.70
C LYS A 141 1.52 -12.37 19.81
N ASP A 142 0.38 -12.91 20.28
CA ASP A 142 0.45 -13.95 21.30
C ASP A 142 1.01 -15.25 20.75
N THR A 143 0.87 -15.50 19.45
CA THR A 143 1.46 -16.70 18.88
C THR A 143 2.99 -16.64 18.90
N ILE A 144 3.56 -15.50 18.52
CA ILE A 144 5.00 -15.33 18.53
C ILE A 144 5.53 -15.28 19.96
N LEU A 145 4.77 -14.63 20.87
CA LEU A 145 5.13 -14.69 22.27
C LEU A 145 5.16 -16.13 22.76
N ALA A 146 4.26 -16.98 22.25
CA ALA A 146 4.29 -18.40 22.59
C ALA A 146 5.52 -19.08 22.01
N VAL A 147 5.89 -18.72 20.76
CA VAL A 147 7.08 -19.30 20.14
C VAL A 147 8.34 -18.88 20.88
N THR A 148 8.44 -17.60 21.22
CA THR A 148 9.65 -17.04 21.83
C THR A 148 9.60 -17.08 23.35
N GLY A 149 8.91 -18.06 23.94
CA GLY A 149 8.87 -18.18 25.38
C GLY A 149 10.20 -18.58 25.98
N SER A 150 10.30 -18.41 27.30
CA SER A 150 11.55 -18.76 27.99
C SER A 150 11.79 -20.27 27.95
N ASP A 151 10.73 -21.05 27.81
CA ASP A 151 10.86 -22.51 27.74
C ASP A 151 11.72 -22.93 26.55
N THR A 152 11.59 -22.21 25.43
CA THR A 152 12.41 -22.52 24.27
C THR A 152 13.88 -22.21 24.52
N SER A 153 14.15 -21.13 25.24
CA SER A 153 15.53 -20.82 25.60
C SER A 153 16.10 -21.89 26.53
N HIS A 154 15.28 -22.41 27.45
CA HIS A 154 15.74 -23.49 28.32
C HIS A 154 15.97 -24.78 27.55
N ALA A 155 15.17 -25.04 26.51
CA ALA A 155 15.33 -26.29 25.77
C ALA A 155 16.44 -26.20 24.74
N LEU A 156 16.79 -24.99 24.28
CA LEU A 156 17.93 -24.81 23.41
C LEU A 156 19.23 -24.84 24.20
N ASP A 157 19.29 -24.06 25.29
CA ASP A 157 20.46 -24.10 26.17
C ASP A 157 20.62 -25.48 26.80
N SER A 158 19.51 -26.20 27.00
CA SER A 158 19.58 -27.56 27.50
C SER A 158 20.34 -28.46 26.53
N ALA A 159 20.08 -28.31 25.23
CA ALA A 159 20.76 -29.08 24.21
C ALA A 159 22.08 -28.44 23.77
N GLY A 160 22.64 -27.55 24.59
CA GLY A 160 23.87 -26.88 24.26
C GLY A 160 23.79 -25.94 23.08
N LEU A 161 22.59 -25.52 22.69
CA LEU A 161 22.43 -24.68 21.51
C LEU A 161 22.50 -23.21 21.91
N ARG A 162 22.22 -22.33 20.95
CA ARG A 162 22.43 -20.90 21.12
C ARG A 162 21.10 -20.17 20.97
N THR A 163 20.79 -19.30 21.93
CA THR A 163 19.51 -18.59 21.92
C THR A 163 19.57 -17.25 21.21
N ALA A 164 20.76 -16.80 20.81
CA ALA A 164 20.95 -15.48 20.20
C ALA A 164 21.06 -15.56 18.68
N ALA A 165 20.50 -16.62 18.07
CA ALA A 165 20.55 -16.77 16.64
C ALA A 165 19.74 -15.66 15.96
N ALA A 166 20.09 -15.39 14.69
CA ALA A 166 19.46 -14.28 13.96
C ALA A 166 17.95 -14.43 13.92
N LEU A 167 17.47 -15.66 13.68
CA LEU A 167 16.06 -16.00 13.79
C LEU A 167 15.75 -16.70 15.10
N GLY A 168 16.63 -16.57 16.10
CA GLY A 168 16.42 -17.16 17.39
C GLY A 168 15.25 -16.52 18.11
N PRO A 169 14.89 -17.07 19.28
CA PRO A 169 13.70 -16.58 19.98
C PRO A 169 13.81 -15.13 20.42
N VAL A 170 14.96 -14.72 20.96
CA VAL A 170 15.10 -13.35 21.45
C VAL A 170 15.05 -12.35 20.31
N ARG A 171 15.70 -12.65 19.19
CA ARG A 171 15.71 -11.71 18.06
C ARG A 171 14.32 -11.60 17.44
N VAL A 172 13.74 -12.73 17.04
CA VAL A 172 12.41 -12.73 16.44
C VAL A 172 11.41 -12.04 17.36
N ARG A 173 11.53 -12.30 18.67
CA ARG A 173 10.66 -11.63 19.62
C ARG A 173 10.83 -10.12 19.55
N GLN A 174 12.08 -9.64 19.66
CA GLN A 174 12.33 -8.20 19.65
C GLN A 174 11.75 -7.56 18.39
N CYS A 175 12.13 -8.07 17.21
CA CYS A 175 11.73 -7.44 15.96
C CYS A 175 10.21 -7.50 15.77
N ALA A 176 9.61 -8.66 16.04
CA ALA A 176 8.16 -8.78 15.86
C ALA A 176 7.41 -7.86 16.82
N VAL A 177 7.85 -7.78 18.07
CA VAL A 177 7.17 -6.95 19.06
C VAL A 177 7.25 -5.48 18.67
N GLU A 178 8.45 -5.00 18.35
CA GLU A 178 8.58 -3.61 17.90
C GLU A 178 7.68 -3.35 16.70
N TRP A 179 7.74 -4.23 15.70
CA TRP A 179 7.03 -3.98 14.45
C TRP A 179 5.52 -3.94 14.67
N ILE A 180 5.00 -4.82 15.53
CA ILE A 180 3.56 -4.90 15.70
C ILE A 180 3.06 -3.77 16.59
N ASP A 181 3.78 -3.48 17.68
CA ASP A 181 3.39 -2.34 18.53
C ASP A 181 3.37 -1.05 17.72
N ARG A 182 4.51 -0.73 17.09
CA ARG A 182 4.58 0.44 16.23
C ARG A 182 3.50 0.38 15.14
N TRP A 183 3.17 -0.83 14.68
CA TRP A 183 2.16 -0.98 13.65
C TRP A 183 0.80 -0.50 14.15
N GLN A 184 0.40 -0.91 15.36
CA GLN A 184 -0.83 -0.40 15.94
C GLN A 184 -0.78 1.11 16.11
N THR A 185 0.31 1.62 16.67
CA THR A 185 0.36 3.06 16.96
C THR A 185 0.18 3.88 15.69
N VAL A 186 0.91 3.51 14.63
CA VAL A 186 0.84 4.27 13.38
C VAL A 186 -0.52 4.06 12.70
N THR A 187 -0.98 2.81 12.63
CA THR A 187 -2.23 2.52 11.93
C THR A 187 -3.41 3.23 12.57
N LYS A 188 -3.44 3.26 13.91
CA LYS A 188 -4.51 3.98 14.60
C LYS A 188 -4.34 5.49 14.47
N SER A 189 -3.09 5.96 14.46
CA SER A 189 -2.86 7.40 14.25
C SER A 189 -3.45 7.85 12.92
N CYS A 190 -3.15 7.11 11.84
CA CYS A 190 -3.75 7.43 10.55
C CYS A 190 -5.25 7.23 10.56
N LEU A 191 -5.70 6.21 11.29
CA LEU A 191 -7.12 5.88 11.33
C LEU A 191 -7.92 6.91 12.10
N ALA A 192 -7.26 7.74 12.92
CA ALA A 192 -7.97 8.78 13.65
C ALA A 192 -8.16 10.04 12.81
N MET A 193 -7.10 10.50 12.15
CA MET A 193 -7.20 11.65 11.26
C MET A 193 -7.71 11.27 9.86
N SER A 194 -8.64 10.32 9.80
CA SER A 194 -9.28 9.85 8.58
C SER A 194 -10.72 10.35 8.50
N PRO A 195 -11.27 10.48 7.29
CA PRO A 195 -12.70 10.81 7.14
C PRO A 195 -13.55 9.70 7.72
N ARG A 196 -14.26 10.00 8.80
CA ARG A 196 -15.00 8.96 9.50
C ARG A 196 -16.48 9.11 9.19
N THR A 197 -16.85 8.56 8.05
CA THR A 197 -18.24 8.51 7.58
C THR A 197 -18.93 7.21 7.96
N SER A 198 -18.20 6.28 8.58
CA SER A 198 -18.79 5.00 8.98
C SER A 198 -19.85 5.20 10.07
N ILE A 199 -20.63 4.14 10.29
CA ILE A 199 -21.69 4.10 11.31
C ILE A 199 -21.04 4.39 12.67
N GLU A 200 -19.75 4.09 12.74
CA GLU A 200 -18.95 4.26 13.94
C GLU A 200 -18.84 5.75 14.29
N ALA A 201 -19.22 6.09 15.53
CA ALA A 201 -19.62 7.45 15.87
C ALA A 201 -18.46 8.28 16.42
N LEU A 202 -17.95 9.20 15.60
CA LEU A 202 -17.27 10.40 16.09
C LEU A 202 -17.53 11.53 15.10
N GLY A 203 -16.77 12.62 15.26
CA GLY A 203 -16.84 13.74 14.34
C GLY A 203 -15.54 13.90 13.56
N GLU A 204 -15.62 13.81 12.24
CA GLU A 204 -14.42 13.79 11.41
C GLU A 204 -13.59 15.06 11.56
N THR A 205 -12.29 14.87 11.72
CA THR A 205 -11.38 15.99 11.92
C THR A 205 -11.15 16.69 10.59
N SER A 206 -11.09 18.02 10.64
CA SER A 206 -10.93 18.82 9.43
C SER A 206 -9.64 19.61 9.47
N LEU A 207 -9.61 20.66 10.30
CA LEU A 207 -8.45 21.53 10.42
C LEU A 207 -7.23 20.82 10.99
N LYS A 208 -7.39 19.57 11.44
CA LYS A 208 -6.37 18.87 12.20
C LYS A 208 -5.15 18.49 11.36
N MET A 209 -5.32 18.36 10.05
CA MET A 209 -4.45 17.52 9.23
C MET A 209 -3.42 18.34 8.48
N ALA A 210 -2.17 17.92 8.57
CA ALA A 210 -0.98 18.31 7.86
C ALA A 210 -0.73 17.33 6.72
N PRO A 211 -0.23 17.80 5.58
CA PRO A 211 -0.13 16.91 4.41
C PRO A 211 0.89 15.80 4.66
N VAL A 212 0.44 14.57 4.57
CA VAL A 212 1.28 13.38 4.78
C VAL A 212 1.56 12.75 3.42
N PRO A 213 2.83 12.50 3.08
CA PRO A 213 3.11 11.71 1.87
C PRO A 213 2.57 10.30 2.01
N LEU A 214 2.34 9.68 0.85
CA LEU A 214 1.77 8.33 0.81
C LEU A 214 2.65 7.29 1.49
N GLY A 215 3.95 7.47 1.46
CA GLY A 215 4.85 6.47 1.99
C GLY A 215 5.36 6.70 3.40
N GLN A 216 5.11 7.89 3.95
CA GLN A 216 5.72 8.24 5.23
C GLN A 216 5.27 7.35 6.39
N PRO A 217 4.00 6.98 6.54
CA PRO A 217 3.65 6.08 7.66
C PRO A 217 4.32 4.72 7.59
N SER A 218 4.31 4.10 6.41
CA SER A 218 4.89 2.78 6.23
C SER A 218 6.42 2.82 6.09
N ALA A 219 7.01 4.01 6.12
CA ALA A 219 8.44 4.14 5.84
C ALA A 219 9.30 3.50 6.92
N ASN A 220 9.01 3.79 8.20
CA ASN A 220 9.80 3.21 9.29
C ASN A 220 9.73 1.69 9.30
N LEU A 221 8.71 1.09 8.67
CA LEU A 221 8.51 -0.34 8.80
C LEU A 221 9.25 -1.15 7.73
N THR A 222 10.06 -0.50 6.90
CA THR A 222 10.84 -1.19 5.88
C THR A 222 12.35 -0.95 6.04
N THR A 223 12.78 -0.36 7.17
CA THR A 223 14.19 -0.14 7.40
C THR A 223 14.95 -1.47 7.37
N PRO A 224 16.23 -1.44 7.00
CA PRO A 224 17.01 -2.68 6.92
C PRO A 224 17.02 -3.50 8.20
N ALA A 225 16.76 -2.83 9.33
CA ALA A 225 16.70 -3.53 10.61
C ALA A 225 15.67 -4.64 10.60
N TYR A 226 14.58 -4.45 9.85
CA TYR A 226 13.51 -5.44 9.75
C TYR A 226 13.70 -6.39 8.58
N SER A 227 14.84 -6.31 7.87
CA SER A 227 15.04 -7.17 6.70
C SER A 227 14.83 -8.65 7.04
N LEU A 228 15.18 -9.04 8.27
CA LEU A 228 15.15 -10.45 8.66
C LEU A 228 13.75 -11.02 8.60
N LEU A 229 12.72 -10.16 8.73
CA LEU A 229 11.33 -10.61 8.78
C LEU A 229 10.50 -10.10 7.61
N PHE A 230 11.13 -9.53 6.58
CA PHE A 230 10.36 -8.96 5.47
C PHE A 230 9.50 -10.00 4.75
N PRO A 231 9.99 -11.20 4.41
CA PRO A 231 9.13 -12.16 3.70
C PRO A 231 8.01 -12.73 4.55
N ALA A 232 7.96 -12.43 5.85
CA ALA A 232 6.87 -12.95 6.68
C ALA A 232 5.53 -12.40 6.22
N PRO A 233 4.49 -13.25 6.15
CA PRO A 233 3.18 -12.75 5.71
C PRO A 233 2.63 -11.66 6.60
N PHE A 234 3.14 -11.52 7.82
CA PHE A 234 2.51 -10.64 8.78
C PHE A 234 3.00 -9.20 8.59
N VAL A 235 4.22 -9.06 8.06
CA VAL A 235 4.70 -7.78 7.55
C VAL A 235 3.91 -7.37 6.32
N GLN A 236 3.81 -8.27 5.33
CA GLN A 236 3.20 -7.89 4.07
C GLN A 236 1.74 -7.50 4.26
N GLU A 237 1.01 -8.29 5.06
CA GLU A 237 -0.40 -8.03 5.29
C GLU A 237 -0.59 -6.76 6.11
N GLY A 238 0.20 -6.60 7.18
CA GLY A 238 0.17 -5.34 7.92
C GLY A 238 0.43 -4.14 7.04
N LEU A 239 1.32 -4.30 6.06
CA LEU A 239 1.70 -3.19 5.19
C LEU A 239 0.62 -2.86 4.16
N ARG A 240 -0.13 -3.86 3.68
CA ARG A 240 -1.26 -3.53 2.81
C ARG A 240 -2.37 -2.85 3.58
N PHE A 241 -2.68 -3.33 4.78
CA PHE A 241 -3.69 -2.64 5.60
C PHE A 241 -3.29 -1.19 5.83
N LEU A 242 -2.10 -0.98 6.41
CA LEU A 242 -1.64 0.37 6.71
C LEU A 242 -1.53 1.22 5.45
N ALA A 243 -1.17 0.60 4.32
CA ALA A 243 -1.14 1.35 3.07
C ALA A 243 -2.53 1.84 2.69
N LEU A 244 -3.53 0.97 2.82
CA LEU A 244 -4.89 1.34 2.44
C LEU A 244 -5.40 2.50 3.28
N VAL A 245 -5.19 2.47 4.59
CA VAL A 245 -5.63 3.59 5.42
C VAL A 245 -4.81 4.84 5.10
N SER A 246 -3.48 4.69 5.06
CA SER A 246 -2.57 5.82 4.92
C SER A 246 -2.84 6.61 3.65
N ASN A 247 -3.05 5.93 2.53
CA ASN A 247 -3.20 6.62 1.24
C ASN A 247 -4.46 7.48 1.24
N ARG A 248 -5.57 6.92 1.72
CA ARG A 248 -6.80 7.68 1.89
C ARG A 248 -6.56 8.94 2.72
N VAL A 249 -5.83 8.79 3.83
CA VAL A 249 -5.50 9.95 4.65
C VAL A 249 -4.68 10.96 3.87
N THR A 250 -3.80 10.48 2.98
CA THR A 250 -2.97 11.36 2.18
C THR A 250 -3.82 12.25 1.26
N LEU A 251 -4.63 11.62 0.41
CA LEU A 251 -5.53 12.36 -0.47
C LEU A 251 -6.39 13.34 0.33
N PHE A 252 -6.95 12.86 1.45
CA PHE A 252 -7.80 13.72 2.27
C PHE A 252 -7.00 14.93 2.76
N SER A 253 -5.72 14.73 3.09
CA SER A 253 -4.86 15.82 3.55
C SER A 253 -4.68 16.89 2.47
N ALA A 254 -4.29 16.47 1.26
CA ALA A 254 -4.13 17.43 0.16
C ALA A 254 -5.39 18.25 -0.04
N HIS A 255 -6.54 17.57 -0.07
CA HIS A 255 -7.78 18.24 -0.44
C HIS A 255 -8.25 19.20 0.66
N LEU A 256 -8.08 18.81 1.93
CA LEU A 256 -8.20 19.75 3.04
C LEU A 256 -7.28 20.97 2.87
N GLN A 257 -6.01 20.72 2.53
CA GLN A 257 -5.07 21.83 2.34
C GLN A 257 -5.62 22.85 1.34
N ARG A 258 -6.19 22.40 0.23
CA ARG A 258 -6.76 23.42 -0.66
C ARG A 258 -8.16 23.88 -0.26
N ILE A 259 -8.77 23.26 0.76
CA ILE A 259 -9.93 23.90 1.39
C ILE A 259 -9.52 25.19 2.09
N ASP A 260 -8.56 25.08 3.02
CA ASP A 260 -8.25 26.16 3.96
C ASP A 260 -7.22 27.15 3.41
N ASP A 261 -7.17 27.36 2.09
CA ASP A 261 -6.21 28.28 1.52
C ASP A 261 -6.85 29.66 1.34
N ALA A 262 -6.08 30.70 1.65
CA ALA A 262 -6.62 32.05 1.61
C ALA A 262 -6.45 32.72 0.25
N THR A 263 -5.38 32.38 -0.49
CA THR A 263 -5.16 33.00 -1.79
C THR A 263 -6.24 32.61 -2.79
N LEU A 264 -6.79 31.41 -2.67
CA LEU A 264 -7.82 30.96 -3.59
C LEU A 264 -9.07 31.83 -3.48
N THR A 265 -9.76 31.99 -4.60
CA THR A 265 -10.97 32.78 -4.65
C THR A 265 -12.10 32.04 -3.94
N PRO A 266 -13.00 32.76 -3.23
CA PRO A 266 -14.14 32.09 -2.59
C PRO A 266 -14.91 31.13 -3.49
N LEU A 267 -14.96 31.37 -4.80
CA LEU A 267 -15.54 30.39 -5.69
C LEU A 267 -14.73 29.10 -5.68
N THR A 268 -13.43 29.20 -5.94
CA THR A 268 -12.55 28.03 -5.93
C THR A 268 -12.63 27.32 -4.58
N ARG A 269 -12.61 28.07 -3.49
CA ARG A 269 -12.76 27.55 -2.14
C ARG A 269 -14.03 26.70 -2.01
N ALA A 270 -15.18 27.29 -2.34
CA ALA A 270 -16.45 26.57 -2.23
C ALA A 270 -16.48 25.34 -3.13
N LEU A 271 -15.80 25.41 -4.28
CA LEU A 271 -15.78 24.26 -5.20
C LEU A 271 -15.01 23.10 -4.60
N PHE A 272 -13.80 23.35 -4.10
CA PHE A 272 -13.08 22.32 -3.36
C PHE A 272 -13.91 21.79 -2.20
N THR A 273 -14.72 22.65 -1.56
CA THR A 273 -15.60 22.17 -0.49
C THR A 273 -16.59 21.15 -1.02
N LEU A 274 -17.29 21.50 -2.10
CA LEU A 274 -18.29 20.59 -2.66
C LEU A 274 -17.66 19.27 -3.09
N ALA A 275 -16.49 19.32 -3.73
CA ALA A 275 -15.83 18.09 -4.14
C ALA A 275 -15.48 17.23 -2.92
N LEU A 276 -14.86 17.85 -1.91
CA LEU A 276 -14.53 17.14 -0.68
C LEU A 276 -15.73 16.43 -0.10
N VAL A 277 -16.86 17.14 0.01
CA VAL A 277 -18.06 16.54 0.57
C VAL A 277 -18.52 15.38 -0.28
N ASP A 278 -18.63 15.59 -1.60
CA ASP A 278 -19.10 14.53 -2.49
C ASP A 278 -18.28 13.25 -2.37
N GLU A 279 -16.96 13.37 -2.22
CA GLU A 279 -16.11 12.21 -2.44
C GLU A 279 -15.54 11.58 -1.18
N TYR A 280 -15.50 12.30 -0.06
CA TYR A 280 -14.96 11.72 1.16
C TYR A 280 -15.92 11.74 2.33
N LEU A 281 -17.01 12.49 2.26
CA LEU A 281 -17.91 12.68 3.40
C LEU A 281 -19.35 12.32 3.06
N THR A 282 -19.57 11.56 2.00
CA THR A 282 -20.89 11.09 1.62
C THR A 282 -20.83 9.60 1.29
N THR A 283 -21.79 8.86 1.78
CA THR A 283 -22.00 7.44 1.55
C THR A 283 -23.38 7.21 0.97
N PRO A 284 -23.62 6.03 0.38
CA PRO A 284 -25.00 5.67 0.02
C PRO A 284 -25.87 5.41 1.22
N GLU A 285 -25.24 5.16 2.37
CA GLU A 285 -25.86 4.73 3.62
C GLU A 285 -26.29 5.92 4.47
N ARG A 286 -25.49 6.99 4.47
CA ARG A 286 -25.89 8.29 5.01
C ARG A 286 -25.59 9.36 3.97
N GLY A 287 -26.57 10.23 3.74
CA GLY A 287 -26.46 11.25 2.70
C GLY A 287 -25.22 12.11 2.82
N ALA A 288 -25.18 12.97 3.83
CA ALA A 288 -24.09 13.91 4.01
C ALA A 288 -23.58 13.81 5.44
N VAL A 289 -22.26 13.81 5.59
CA VAL A 289 -21.61 13.79 6.90
C VAL A 289 -20.73 15.03 6.95
N VAL A 290 -21.23 16.10 7.55
CA VAL A 290 -20.62 17.42 7.46
C VAL A 290 -20.36 17.91 8.92
N PRO A 291 -19.14 18.28 9.26
CA PRO A 291 -18.92 18.93 10.56
C PRO A 291 -19.53 20.31 10.57
N PRO A 292 -20.12 20.71 11.70
CA PRO A 292 -20.75 22.04 11.80
C PRO A 292 -19.78 23.18 11.47
N PRO A 293 -18.53 23.16 11.94
CA PRO A 293 -17.61 24.24 11.54
C PRO A 293 -17.40 24.31 10.03
N LEU A 294 -17.28 23.17 9.36
CA LEU A 294 -17.11 23.18 7.91
C LEU A 294 -18.34 23.73 7.21
N LEU A 295 -19.53 23.38 7.70
CA LEU A 295 -20.75 23.85 7.07
C LEU A 295 -20.93 25.36 7.26
N ALA A 296 -20.61 25.87 8.45
CA ALA A 296 -20.69 27.30 8.68
C ALA A 296 -19.65 28.04 7.84
N GLN A 297 -18.42 27.55 7.82
CA GLN A 297 -17.39 28.12 6.97
C GLN A 297 -17.86 28.17 5.52
N PHE A 298 -18.49 27.07 5.07
CA PHE A 298 -19.02 27.04 3.70
C PHE A 298 -20.09 28.10 3.51
N GLN A 299 -20.97 28.29 4.49
CA GLN A 299 -22.01 29.30 4.38
C GLN A 299 -21.42 30.69 4.20
N HIS A 300 -20.52 31.08 5.10
CA HIS A 300 -19.95 32.43 5.03
C HIS A 300 -19.14 32.63 3.77
N THR A 301 -18.41 31.59 3.33
CA THR A 301 -17.62 31.72 2.12
C THR A 301 -18.50 31.76 0.87
N VAL A 302 -19.66 31.10 0.92
CA VAL A 302 -20.47 31.02 -0.30
C VAL A 302 -21.35 32.24 -0.43
N ARG A 303 -21.67 32.93 0.67
CA ARG A 303 -22.39 34.19 0.54
C ARG A 303 -21.55 35.26 -0.15
N GLU A 304 -20.23 35.10 -0.17
CA GLU A 304 -19.39 36.11 -0.82
C GLU A 304 -19.47 36.02 -2.34
N ILE A 305 -19.92 34.88 -2.88
CA ILE A 305 -19.84 34.66 -4.32
C ILE A 305 -20.85 35.55 -5.04
N ASP A 306 -20.44 36.04 -6.21
CA ASP A 306 -21.34 36.71 -7.13
C ASP A 306 -22.56 35.82 -7.40
N PRO A 307 -23.78 36.33 -7.19
CA PRO A 307 -24.97 35.52 -7.47
C PRO A 307 -25.16 35.16 -8.93
N ALA A 308 -24.28 35.61 -9.83
CA ALA A 308 -24.35 35.14 -11.20
C ALA A 308 -24.01 33.66 -11.30
N ILE A 309 -23.24 33.14 -10.34
CA ILE A 309 -22.89 31.73 -10.25
C ILE A 309 -23.60 31.15 -9.04
N MET A 310 -24.30 30.04 -9.23
CA MET A 310 -25.23 29.50 -8.24
C MET A 310 -24.65 28.26 -7.59
N ILE A 311 -24.74 28.20 -6.26
CA ILE A 311 -24.11 27.14 -5.47
C ILE A 311 -25.12 26.52 -4.51
N PRO A 312 -25.24 25.18 -4.47
CA PRO A 312 -26.14 24.54 -3.51
C PRO A 312 -25.55 24.52 -2.12
N PRO A 313 -26.38 24.55 -1.09
CA PRO A 313 -25.87 24.45 0.28
C PRO A 313 -25.47 23.02 0.63
N LEU A 314 -24.54 22.92 1.58
CA LEU A 314 -24.11 21.62 2.07
C LEU A 314 -25.22 20.98 2.87
N GLU A 315 -25.97 20.09 2.21
CA GLU A 315 -27.07 19.38 2.86
C GLU A 315 -27.48 18.27 1.94
N ALA A 316 -28.08 17.22 2.52
CA ALA A 316 -28.49 16.06 1.73
C ALA A 316 -29.66 16.42 0.81
N PRO A 344 -31.11 11.47 -5.65
CA PRO A 344 -29.91 11.95 -4.93
C PRO A 344 -28.97 12.74 -5.83
N GLY A 345 -27.73 12.30 -5.94
CA GLY A 345 -26.78 12.91 -6.85
C GLY A 345 -25.79 13.82 -6.14
N THR A 346 -24.61 13.96 -6.74
CA THR A 346 -23.55 14.77 -6.16
C THR A 346 -23.93 16.25 -6.19
N LEU A 347 -23.38 17.01 -5.24
CA LEU A 347 -23.65 18.45 -5.21
C LEU A 347 -23.01 19.13 -6.41
N MET A 348 -21.80 18.68 -6.80
CA MET A 348 -21.04 19.32 -7.87
C MET A 348 -21.84 19.43 -9.16
N ALA A 349 -22.77 18.48 -9.38
CA ALA A 349 -23.67 18.56 -10.51
C ALA A 349 -24.69 19.69 -10.34
N ARG A 350 -25.10 19.97 -9.11
CA ARG A 350 -26.15 20.95 -8.88
C ARG A 350 -25.73 22.36 -9.24
N VAL A 351 -24.43 22.63 -9.32
CA VAL A 351 -23.95 23.96 -9.63
C VAL A 351 -24.31 24.32 -11.06
N ARG A 352 -24.92 25.48 -11.25
CA ARG A 352 -25.29 25.96 -12.58
C ARG A 352 -24.92 27.42 -12.71
N THR A 353 -24.53 27.80 -13.92
CA THR A 353 -24.19 29.17 -14.24
C THR A 353 -24.14 29.29 -15.76
N ASP A 354 -24.04 30.54 -16.23
CA ASP A 354 -23.87 30.82 -17.64
C ASP A 354 -22.64 31.67 -17.92
N VAL A 355 -21.94 32.13 -16.87
CA VAL A 355 -20.77 32.97 -17.04
C VAL A 355 -19.59 32.13 -17.52
N ALA A 356 -18.79 32.70 -18.41
CA ALA A 356 -17.57 32.04 -18.90
C ALA A 356 -16.46 32.40 -17.92
N VAL A 357 -16.26 31.55 -16.91
CA VAL A 357 -15.29 31.84 -15.86
C VAL A 357 -13.85 31.82 -16.40
N PHE A 358 -13.62 31.13 -17.51
CA PHE A 358 -12.29 30.93 -18.06
C PHE A 358 -11.69 32.21 -18.61
N ASP A 359 -12.50 33.21 -18.92
CA ASP A 359 -11.97 34.45 -19.49
C ASP A 359 -11.10 35.15 -18.46
N PRO A 360 -9.94 35.71 -18.85
CA PRO A 360 -9.05 36.29 -17.84
C PRO A 360 -9.60 37.53 -17.18
N ASP A 361 -10.32 38.37 -17.92
CA ASP A 361 -10.92 39.57 -17.31
C ASP A 361 -11.86 39.20 -16.18
N VAL A 362 -12.48 38.03 -16.27
CA VAL A 362 -13.30 37.44 -15.19
C VAL A 362 -12.39 37.06 -14.02
N PRO A 363 -12.72 37.44 -12.80
CA PRO A 363 -11.87 37.09 -11.65
C PRO A 363 -12.36 35.94 -10.79
N PHE A 364 -13.31 35.13 -11.26
CA PHE A 364 -14.01 34.23 -10.34
C PHE A 364 -13.16 32.99 -9.98
N LEU A 365 -12.61 32.29 -10.97
CA LEU A 365 -11.76 31.15 -10.67
C LEU A 365 -10.31 31.57 -10.55
N SER A 366 -9.67 31.14 -9.46
CA SER A 366 -8.23 31.28 -9.32
C SER A 366 -7.52 30.57 -10.45
N SER A 367 -6.69 31.31 -11.18
CA SER A 367 -5.94 30.73 -12.30
C SER A 367 -5.02 29.60 -11.85
N SER A 368 -4.81 29.45 -10.54
CA SER A 368 -4.01 28.34 -10.03
C SER A 368 -4.78 27.02 -10.12
N ALA A 369 -5.98 27.00 -9.57
CA ALA A 369 -6.85 25.82 -9.54
C ALA A 369 -8.05 26.09 -10.45
N LEU A 370 -7.86 25.88 -11.75
CA LEU A 370 -8.87 26.29 -12.73
C LEU A 370 -9.73 25.14 -13.23
N ALA A 371 -9.26 23.90 -13.09
CA ALA A 371 -10.02 22.73 -13.49
C ALA A 371 -10.84 22.13 -12.36
N VAL A 372 -10.93 22.83 -11.22
CA VAL A 372 -11.76 22.35 -10.12
C VAL A 372 -13.24 22.39 -10.51
N PHE A 373 -13.63 23.30 -11.40
CA PHE A 373 -15.04 23.53 -11.70
C PHE A 373 -15.46 22.56 -12.80
N GLN A 374 -15.92 21.38 -12.39
CA GLN A 374 -16.18 20.30 -13.33
C GLN A 374 -17.32 20.56 -14.33
N PRO A 375 -18.43 21.21 -13.98
CA PRO A 375 -19.48 21.40 -15.01
C PRO A 375 -19.01 22.17 -16.23
N ALA A 376 -18.41 23.35 -16.06
CA ALA A 376 -18.03 24.15 -17.22
C ALA A 376 -16.98 23.45 -18.07
N VAL A 377 -16.04 22.74 -17.43
CA VAL A 377 -14.99 22.06 -18.18
C VAL A 377 -15.59 20.89 -18.96
N SER A 378 -16.33 20.02 -18.27
CA SER A 378 -16.95 18.88 -18.93
C SER A 378 -17.82 19.33 -20.09
N SER A 379 -18.47 20.49 -19.95
CA SER A 379 -19.18 21.07 -21.09
C SER A 379 -18.21 21.46 -22.20
N LEU A 380 -17.08 22.08 -21.83
CA LEU A 380 -16.08 22.46 -22.82
C LEU A 380 -15.62 21.26 -23.64
N LEU A 381 -15.46 20.10 -23.01
CA LEU A 381 -14.84 18.98 -23.71
C LEU A 381 -15.86 18.05 -24.34
N GLN A 382 -17.05 17.91 -23.77
CA GLN A 382 -18.13 17.22 -24.47
C GLN A 382 -18.54 17.99 -25.71
N LEU A 383 -18.83 19.27 -25.54
CA LEU A 383 -19.37 20.06 -26.65
C LEU A 383 -18.29 20.56 -27.61
N GLY A 384 -17.02 20.23 -27.35
CA GLY A 384 -15.95 20.69 -28.22
C GLY A 384 -15.90 22.20 -28.34
N GLU A 385 -16.18 22.90 -27.24
CA GLU A 385 -16.33 24.35 -27.30
C GLU A 385 -14.99 25.03 -27.58
N GLN A 386 -15.10 26.23 -28.13
CA GLN A 386 -14.03 27.07 -28.63
C GLN A 386 -13.90 28.32 -27.80
N PRO A 387 -13.08 28.32 -26.76
CA PRO A 387 -13.11 29.44 -25.81
C PRO A 387 -12.57 30.72 -26.41
N SER A 388 -12.80 31.80 -25.70
CA SER A 388 -12.19 33.07 -26.06
C SER A 388 -10.68 32.93 -25.94
N ALA A 389 -9.96 33.60 -26.84
CA ALA A 389 -8.52 33.41 -26.96
C ALA A 389 -7.81 33.70 -25.64
N GLY A 390 -8.26 34.73 -24.91
CA GLY A 390 -7.67 35.01 -23.62
C GLY A 390 -7.89 33.87 -22.63
N ALA A 391 -9.11 33.35 -22.59
CA ALA A 391 -9.40 32.20 -21.74
C ALA A 391 -8.54 31.01 -22.11
N GLN A 392 -8.29 30.82 -23.40
CA GLN A 392 -7.55 29.64 -23.82
C GLN A 392 -6.09 29.78 -23.44
N GLN A 393 -5.52 30.98 -23.63
CA GLN A 393 -4.19 31.25 -23.11
C GLN A 393 -4.13 31.05 -21.60
N ARG A 394 -5.21 31.37 -20.90
CA ARG A 394 -5.27 31.11 -19.46
C ARG A 394 -5.23 29.62 -19.17
N LEU A 395 -5.86 28.82 -20.03
CA LEU A 395 -5.86 27.37 -19.84
C LEU A 395 -4.50 26.75 -20.13
N LEU A 396 -4.02 26.89 -21.37
CA LEU A 396 -2.83 26.18 -21.81
C LEU A 396 -1.62 26.45 -20.91
N ALA A 397 -1.64 27.58 -20.19
CA ALA A 397 -0.62 27.82 -19.18
C ALA A 397 -0.73 26.78 -18.06
N LEU A 398 -1.92 26.61 -17.49
CA LEU A 398 -2.08 25.67 -16.38
C LEU A 398 -1.96 24.23 -16.83
N LEU A 399 -2.69 23.86 -17.90
CA LEU A 399 -2.61 22.49 -18.40
C LEU A 399 -1.19 22.13 -18.81
N GLN A 400 -0.47 23.08 -19.44
CA GLN A 400 0.85 22.77 -19.98
C GLN A 400 1.91 22.76 -18.89
N GLN A 401 1.74 23.62 -17.89
CA GLN A 401 2.57 23.51 -16.69
C GLN A 401 2.36 22.16 -16.01
N THR A 402 1.09 21.83 -15.72
CA THR A 402 0.79 20.60 -15.02
C THR A 402 1.32 19.39 -15.77
N TRP A 403 1.19 19.38 -17.10
CA TRP A 403 1.59 18.19 -17.84
C TRP A 403 3.10 18.13 -18.05
N THR A 404 3.76 19.28 -18.15
CA THR A 404 5.23 19.28 -18.10
C THR A 404 5.73 18.72 -16.78
N LEU A 405 5.09 19.09 -15.67
CA LEU A 405 5.50 18.56 -14.37
C LEU A 405 5.26 17.06 -14.29
N ILE A 406 4.06 16.60 -14.67
CA ILE A 406 3.76 15.18 -14.64
C ILE A 406 4.72 14.40 -15.52
N GLN A 407 5.00 14.93 -16.72
CA GLN A 407 5.87 14.24 -17.67
C GLN A 407 7.26 13.99 -17.08
N ASN A 408 7.74 14.90 -16.24
CA ASN A 408 9.14 14.96 -15.83
C ASN A 408 9.20 15.02 -14.30
N THR A 409 8.80 13.92 -13.66
CA THR A 409 8.80 13.79 -12.21
C THR A 409 8.68 12.32 -11.88
N ASN A 410 9.32 11.90 -10.79
CA ASN A 410 9.34 10.52 -10.33
C ASN A 410 8.89 10.38 -8.88
N SER A 411 8.38 11.47 -8.29
CA SER A 411 7.88 11.46 -6.92
C SER A 411 6.35 11.43 -6.94
N PRO A 412 5.72 10.33 -6.51
CA PRO A 412 4.25 10.27 -6.46
C PRO A 412 3.62 11.34 -5.58
N SER A 413 4.29 11.71 -4.48
CA SER A 413 3.74 12.76 -3.62
C SER A 413 3.59 14.07 -4.37
N VAL A 414 4.61 14.45 -5.15
CA VAL A 414 4.57 15.69 -5.92
C VAL A 414 3.43 15.66 -6.92
N VAL A 415 3.28 14.55 -7.65
CA VAL A 415 2.27 14.50 -8.71
C VAL A 415 0.88 14.50 -8.11
N ILE A 416 0.69 13.83 -6.97
CA ILE A 416 -0.58 13.94 -6.25
C ILE A 416 -0.86 15.40 -5.90
N ASN A 417 0.09 16.04 -5.21
CA ASN A 417 -0.12 17.42 -4.78
C ASN A 417 -0.44 18.34 -5.94
N THR A 418 0.23 18.17 -7.09
CA THR A 418 0.01 19.09 -8.20
C THR A 418 -1.27 18.78 -8.96
N LEU A 419 -1.73 17.53 -8.94
CA LEU A 419 -3.04 17.23 -9.52
C LEU A 419 -4.17 17.82 -8.67
N ILE A 420 -4.11 17.64 -7.35
CA ILE A 420 -5.15 18.21 -6.50
C ILE A 420 -5.09 19.74 -6.53
N ASP A 421 -3.88 20.32 -6.55
CA ASP A 421 -3.75 21.77 -6.55
C ASP A 421 -4.33 22.38 -7.82
N ALA A 422 -4.18 21.71 -8.96
CA ALA A 422 -4.74 22.19 -10.22
C ALA A 422 -6.25 22.00 -10.32
N GLY A 423 -6.87 21.37 -9.34
CA GLY A 423 -8.27 21.04 -9.41
C GLY A 423 -8.59 19.68 -10.01
N PHE A 424 -7.60 18.81 -10.17
CA PHE A 424 -7.82 17.49 -10.76
C PHE A 424 -8.03 16.43 -9.67
N THR A 425 -9.14 16.58 -8.98
CA THR A 425 -9.59 15.58 -8.01
C THR A 425 -10.01 14.30 -8.76
N PRO A 426 -9.76 13.10 -8.18
CA PRO A 426 -9.97 11.85 -8.94
C PRO A 426 -11.28 11.75 -9.72
N SER A 427 -12.42 11.96 -9.05
CA SER A 427 -13.71 11.89 -9.73
C SER A 427 -13.77 12.84 -10.92
N HIS A 428 -13.13 14.01 -10.80
CA HIS A 428 -13.03 14.90 -11.94
C HIS A 428 -12.32 14.19 -13.10
N CYS A 429 -11.10 13.69 -12.85
CA CYS A 429 -10.38 12.91 -13.86
C CYS A 429 -11.28 11.90 -14.55
N THR A 430 -12.13 11.22 -13.77
CA THR A 430 -13.11 10.29 -14.35
C THR A 430 -14.06 11.01 -15.31
N HIS A 431 -14.77 12.05 -14.82
CA HIS A 431 -15.75 12.75 -15.65
C HIS A 431 -15.12 13.29 -16.93
N TYR A 432 -13.87 13.73 -16.83
CA TYR A 432 -13.11 14.24 -17.96
C TYR A 432 -12.86 13.13 -18.99
N LEU A 433 -12.28 12.01 -18.54
CA LEU A 433 -12.21 10.81 -19.39
C LEU A 433 -13.53 10.59 -20.12
N SER A 434 -14.63 10.47 -19.37
CA SER A 434 -15.95 10.25 -19.97
C SER A 434 -16.26 11.31 -21.02
N ALA A 435 -15.96 12.57 -20.72
CA ALA A 435 -16.34 13.67 -21.60
C ALA A 435 -15.62 13.58 -22.94
N LEU A 436 -14.29 13.45 -22.92
CA LEU A 436 -13.57 13.29 -24.18
C LEU A 436 -14.06 12.06 -24.93
N GLU A 437 -13.98 10.88 -24.30
CA GLU A 437 -14.35 9.64 -24.98
C GLU A 437 -15.70 9.80 -25.69
N GLY A 438 -16.71 10.31 -24.96
CA GLY A 438 -17.99 10.58 -25.60
C GLY A 438 -17.91 11.55 -26.76
N PHE A 439 -17.03 12.56 -26.64
CA PHE A 439 -16.80 13.45 -27.78
C PHE A 439 -16.30 12.68 -28.99
N LEU A 440 -15.26 11.86 -28.82
CA LEU A 440 -14.69 11.19 -29.98
C LEU A 440 -15.68 10.20 -30.59
N ALA A 441 -16.63 9.69 -29.79
CA ALA A 441 -17.67 8.82 -30.35
C ALA A 441 -18.47 9.55 -31.42
N ALA A 442 -19.02 10.72 -31.11
CA ALA A 442 -19.98 11.36 -32.01
C ALA A 442 -19.29 12.00 -33.22
N GLY A 443 -18.07 12.49 -33.03
CA GLY A 443 -17.37 13.22 -34.09
C GLY A 443 -17.26 12.51 -35.43
N GLY A 453 -7.88 14.42 -33.42
CA GLY A 453 -8.84 15.46 -33.76
C GLY A 453 -9.39 16.20 -32.54
N LEU A 454 -8.51 16.88 -31.83
CA LEU A 454 -8.87 17.61 -30.62
C LEU A 454 -8.02 18.87 -30.51
N GLY A 455 -8.58 19.89 -29.84
CA GLY A 455 -7.80 21.07 -29.53
C GLY A 455 -6.79 20.83 -28.41
N GLU A 456 -5.84 21.74 -28.28
CA GLU A 456 -4.77 21.54 -27.30
C GLU A 456 -5.31 21.56 -25.88
N VAL A 457 -6.31 22.39 -25.60
CA VAL A 457 -7.03 22.29 -24.34
C VAL A 457 -7.51 20.86 -24.13
N GLN A 458 -8.26 20.34 -25.11
CA GLN A 458 -8.85 19.01 -24.98
C GLN A 458 -7.79 17.93 -24.88
N GLN A 459 -6.71 18.05 -25.66
CA GLN A 459 -5.66 17.03 -25.64
C GLN A 459 -4.93 17.02 -24.32
N LEU A 460 -4.61 18.20 -23.78
CA LEU A 460 -3.90 18.25 -22.50
C LEU A 460 -4.79 17.78 -21.35
N PHE A 461 -6.06 18.17 -21.33
CA PHE A 461 -6.98 17.55 -20.39
C PHE A 461 -7.00 16.03 -20.55
N GLY A 462 -6.89 15.54 -21.78
CA GLY A 462 -6.85 14.10 -21.99
C GLY A 462 -5.63 13.46 -21.33
N CYS A 463 -4.46 14.07 -21.53
CA CYS A 463 -3.25 13.61 -20.87
C CYS A 463 -3.43 13.57 -19.35
N ILE A 464 -3.69 14.73 -18.74
CA ILE A 464 -3.74 14.81 -17.29
C ILE A 464 -4.84 13.94 -16.72
N ALA A 465 -5.86 13.63 -17.51
CA ALA A 465 -6.97 12.87 -16.98
C ALA A 465 -6.73 11.37 -17.09
N LEU A 466 -6.07 10.92 -18.16
CA LEU A 466 -5.60 9.53 -18.20
C LEU A 466 -4.61 9.26 -17.08
N ALA A 467 -3.47 9.95 -17.16
CA ALA A 467 -2.41 9.74 -16.18
C ALA A 467 -2.92 10.03 -14.77
N GLY A 468 -3.83 10.99 -14.63
CA GLY A 468 -4.39 11.29 -13.32
C GLY A 468 -5.29 10.18 -12.80
N SER A 469 -6.14 9.62 -13.67
CA SER A 469 -7.02 8.54 -13.22
C SER A 469 -6.21 7.32 -12.80
N ASN A 470 -5.16 7.00 -13.56
CA ASN A 470 -4.35 5.83 -13.22
C ASN A 470 -3.46 6.08 -11.99
N VAL A 471 -2.89 7.27 -11.87
CA VAL A 471 -2.09 7.59 -10.67
C VAL A 471 -2.98 7.55 -9.43
N PHE A 472 -4.20 8.06 -9.54
CA PHE A 472 -5.12 8.02 -8.40
C PHE A 472 -5.58 6.61 -8.10
N GLY A 473 -5.69 5.76 -9.13
CA GLY A 473 -6.04 4.37 -8.89
C GLY A 473 -4.95 3.62 -8.15
N LEU A 474 -3.72 3.73 -8.65
CA LEU A 474 -2.58 3.12 -7.97
C LEU A 474 -2.28 3.76 -6.63
N ALA A 475 -2.79 4.97 -6.40
CA ALA A 475 -2.45 5.69 -5.18
C ALA A 475 -3.07 5.03 -3.95
N ARG A 476 -4.27 4.47 -4.10
CA ARG A 476 -4.95 3.89 -2.95
C ARG A 476 -4.17 2.75 -2.34
N GLU A 477 -3.43 2.01 -3.18
CA GLU A 477 -2.79 0.77 -2.75
C GLU A 477 -1.26 0.87 -2.80
N TYR A 478 -0.73 2.09 -2.93
CA TYR A 478 0.71 2.27 -3.03
C TYR A 478 1.38 1.87 -1.72
N GLY A 479 2.23 0.86 -1.78
CA GLY A 479 2.92 0.38 -0.60
C GLY A 479 4.18 -0.34 -1.01
N TYR A 480 4.90 -0.85 -0.01
CA TYR A 480 6.14 -1.58 -0.22
C TYR A 480 5.94 -3.07 -0.03
N TYR A 481 4.69 -3.53 -0.07
CA TYR A 481 4.31 -4.92 0.13
C TYR A 481 4.27 -5.64 -1.21
N ALA A 482 4.20 -6.98 -1.13
CA ALA A 482 4.41 -7.81 -2.32
C ALA A 482 3.24 -7.78 -3.30
N ASN A 483 2.04 -7.42 -2.85
CA ASN A 483 0.88 -7.48 -3.73
C ASN A 483 0.80 -6.26 -4.66
N TYR A 484 1.41 -5.14 -4.27
CA TYR A 484 1.41 -3.97 -5.13
C TYR A 484 2.07 -4.26 -6.47
N VAL A 485 2.93 -5.28 -6.55
CA VAL A 485 3.45 -5.70 -7.83
C VAL A 485 2.31 -6.22 -8.72
N LYS A 486 1.49 -7.11 -8.17
CA LYS A 486 0.38 -7.68 -8.92
C LYS A 486 -0.61 -6.60 -9.35
N THR A 487 -1.07 -5.80 -8.38
CA THR A 487 -2.02 -4.74 -8.72
C THR A 487 -1.43 -3.77 -9.74
N PHE A 488 -0.16 -3.40 -9.55
CA PHE A 488 0.48 -2.48 -10.49
C PHE A 488 0.54 -3.05 -11.90
N ARG A 489 0.85 -4.34 -12.02
CA ARG A 489 0.84 -4.99 -13.33
C ARG A 489 -0.54 -4.91 -13.97
N ARG A 490 -1.58 -5.29 -13.20
CA ARG A 490 -2.93 -5.20 -13.74
C ARG A 490 -3.26 -3.78 -14.20
N VAL A 491 -2.88 -2.78 -13.42
CA VAL A 491 -3.35 -1.41 -13.68
C VAL A 491 -2.62 -0.81 -14.88
N GLN A 492 -1.28 -0.94 -14.92
CA GLN A 492 -0.56 -0.36 -16.05
C GLN A 492 -0.85 -1.13 -17.32
N GLY A 493 -1.15 -2.43 -17.21
CA GLY A 493 -1.58 -3.18 -18.37
C GLY A 493 -2.88 -2.67 -18.94
N ALA A 494 -3.84 -2.36 -18.07
CA ALA A 494 -5.16 -1.89 -18.45
C ALA A 494 -5.26 -0.36 -18.50
N SER A 495 -4.13 0.34 -18.42
CA SER A 495 -4.17 1.80 -18.37
C SER A 495 -4.56 2.39 -19.72
N GLU A 496 -3.90 1.97 -20.78
CA GLU A 496 -4.11 2.54 -22.11
C GLU A 496 -5.43 2.07 -22.73
N HIS A 497 -5.74 0.78 -22.56
CA HIS A 497 -6.87 0.21 -23.27
C HIS A 497 -8.19 0.74 -22.76
N THR A 498 -8.25 1.16 -21.49
CA THR A 498 -9.41 1.87 -20.98
C THR A 498 -9.45 3.27 -21.58
N HIS A 499 -10.49 3.53 -22.39
CA HIS A 499 -10.61 4.76 -23.18
C HIS A 499 -9.50 4.80 -24.25
N GLY A 500 -9.53 3.80 -25.13
CA GLY A 500 -8.48 3.66 -26.13
C GLY A 500 -8.48 4.75 -27.17
N ARG A 501 -9.66 5.23 -27.57
CA ARG A 501 -9.73 6.28 -28.57
C ARG A 501 -8.97 7.52 -28.12
N LEU A 502 -9.25 7.99 -26.90
CA LEU A 502 -8.53 9.12 -26.34
C LEU A 502 -7.03 8.84 -26.29
N CYS A 503 -6.66 7.68 -25.73
CA CYS A 503 -5.26 7.40 -25.47
C CYS A 503 -4.44 7.38 -26.76
N GLU A 504 -4.97 6.75 -27.82
CA GLU A 504 -4.25 6.72 -29.08
C GLU A 504 -4.28 8.08 -29.78
N ALA A 505 -5.40 8.81 -29.65
CA ALA A 505 -5.51 10.10 -30.31
C ALA A 505 -4.58 11.14 -29.72
N VAL A 506 -4.25 11.01 -28.43
CA VAL A 506 -3.43 12.01 -27.75
C VAL A 506 -1.94 11.65 -27.75
N GLY A 507 -1.60 10.37 -27.88
CA GLY A 507 -0.22 9.96 -28.06
C GLY A 507 0.30 8.97 -27.04
N LEU A 508 -0.47 8.64 -26.00
CA LEU A 508 -0.03 7.71 -24.98
C LEU A 508 -0.22 6.26 -25.42
N SER A 509 -0.13 6.01 -26.73
CA SER A 509 -0.65 4.80 -27.35
C SER A 509 0.30 3.60 -27.26
N GLY A 510 1.56 3.78 -27.69
CA GLY A 510 2.42 2.64 -27.94
C GLY A 510 3.18 2.11 -26.73
N GLY A 511 2.63 2.29 -25.54
CA GLY A 511 3.29 1.93 -24.30
C GLY A 511 3.80 3.11 -23.51
N VAL A 512 3.54 4.33 -23.96
CA VAL A 512 4.10 5.51 -23.33
C VAL A 512 3.48 5.72 -21.95
N LEU A 513 2.16 5.56 -21.82
CA LEU A 513 1.51 5.76 -20.52
C LEU A 513 1.96 4.72 -19.52
N SER A 514 2.11 3.46 -19.96
CA SER A 514 2.69 2.44 -19.09
C SER A 514 4.11 2.79 -18.71
N GLN A 515 4.82 3.54 -19.55
CA GLN A 515 6.16 3.99 -19.22
C GLN A 515 6.12 5.04 -18.11
N THR A 516 5.26 6.04 -18.25
CA THR A 516 5.15 7.08 -17.23
C THR A 516 4.69 6.50 -15.89
N LEU A 517 3.57 5.79 -15.91
CA LEU A 517 3.08 5.12 -14.70
C LEU A 517 4.14 4.20 -14.13
N ALA A 518 4.95 3.59 -15.00
CA ALA A 518 6.01 2.71 -14.53
C ALA A 518 7.09 3.49 -13.80
N ARG A 519 7.47 4.67 -14.30
CA ARG A 519 8.56 5.41 -13.67
C ARG A 519 8.10 6.06 -12.37
N ILE A 520 6.85 6.52 -12.29
CA ILE A 520 6.49 7.28 -11.10
C ILE A 520 5.86 6.38 -10.05
N MET A 521 5.05 5.40 -10.47
CA MET A 521 4.31 4.55 -9.56
C MET A 521 4.87 3.14 -9.50
N GLY A 522 6.08 2.93 -10.01
CA GLY A 522 6.68 1.63 -10.03
C GLY A 522 6.88 1.06 -8.64
N PRO A 523 6.66 -0.24 -8.48
CA PRO A 523 6.85 -0.87 -7.18
C PRO A 523 8.32 -0.89 -6.78
N ALA A 524 8.56 -0.74 -5.47
CA ALA A 524 9.91 -0.78 -4.95
C ALA A 524 10.51 -2.17 -5.15
N VAL A 525 11.84 -2.22 -5.18
CA VAL A 525 12.57 -3.45 -5.47
C VAL A 525 13.18 -3.95 -4.18
N PRO A 526 12.85 -5.17 -3.71
CA PRO A 526 13.27 -5.56 -2.36
C PRO A 526 14.56 -6.37 -2.32
N THR A 527 15.37 -6.27 -3.38
CA THR A 527 16.56 -7.11 -3.50
C THR A 527 17.45 -7.02 -2.26
N GLU A 528 17.54 -5.84 -1.65
CA GLU A 528 18.40 -5.66 -0.49
C GLU A 528 17.95 -6.49 0.70
N HIS A 529 16.64 -6.54 0.96
CA HIS A 529 16.16 -7.30 2.12
C HIS A 529 16.41 -8.78 1.95
N LEU A 530 16.16 -9.32 0.75
CA LEU A 530 16.37 -10.74 0.52
C LEU A 530 17.87 -11.08 0.52
N ALA A 531 18.69 -10.17 0.01
CA ALA A 531 20.14 -10.33 0.11
C ALA A 531 20.60 -10.37 1.56
N SER A 532 20.18 -9.39 2.36
CA SER A 532 20.57 -9.35 3.77
C SER A 532 20.14 -10.62 4.50
N LEU A 533 18.88 -11.03 4.34
CA LEU A 533 18.42 -12.26 4.97
C LEU A 533 19.24 -13.46 4.50
N ARG A 534 19.58 -13.48 3.20
CA ARG A 534 20.42 -14.55 2.69
C ARG A 534 21.77 -14.59 3.40
N ARG A 535 22.36 -13.41 3.61
CA ARG A 535 23.66 -13.34 4.27
C ARG A 535 23.55 -13.81 5.72
N ALA A 536 22.47 -13.45 6.40
CA ALA A 536 22.27 -13.91 7.77
C ALA A 536 22.12 -15.42 7.82
N LEU A 537 21.38 -16.01 6.87
CA LEU A 537 21.19 -17.45 6.88
C LEU A 537 22.50 -18.16 6.55
N VAL A 538 23.33 -17.52 5.70
CA VAL A 538 24.68 -18.02 5.46
C VAL A 538 25.50 -17.96 6.74
N GLY A 539 25.33 -16.91 7.54
CA GLY A 539 26.13 -16.80 8.76
C GLY A 539 25.76 -17.86 9.78
N GLU A 540 24.45 -18.07 9.98
CA GLU A 540 23.99 -19.11 10.89
C GLU A 540 24.40 -20.49 10.40
N PHE A 541 24.43 -20.67 9.08
CA PHE A 541 25.04 -21.85 8.50
C PHE A 541 26.52 -21.97 8.83
N GLU A 542 27.26 -20.86 8.80
CA GLU A 542 28.70 -20.94 9.00
C GLU A 542 29.04 -21.31 10.44
N THR A 543 28.45 -20.60 11.40
CA THR A 543 28.66 -20.93 12.81
C THR A 543 28.14 -22.32 13.12
N ALA A 544 26.88 -22.58 12.74
CA ALA A 544 26.21 -23.84 13.10
C ALA A 544 26.96 -25.05 12.58
N GLU A 545 27.38 -25.03 11.32
CA GLU A 545 28.21 -26.12 10.81
C GLU A 545 29.56 -26.13 11.50
N ARG A 546 30.18 -24.95 11.64
CA ARG A 546 31.54 -24.85 12.16
C ARG A 546 31.69 -25.56 13.49
N ARG A 547 30.74 -25.36 14.40
CA ARG A 547 30.82 -26.06 15.68
C ARG A 547 30.64 -27.56 15.50
N PHE A 548 29.69 -27.95 14.64
CA PHE A 548 29.26 -29.34 14.56
C PHE A 548 29.95 -30.12 13.45
N SER A 549 30.44 -29.42 12.42
CA SER A 549 31.24 -30.02 11.36
C SER A 549 32.34 -29.03 11.03
N SER A 550 33.59 -29.40 11.34
CA SER A 550 34.72 -28.48 11.18
C SER A 550 34.77 -27.90 9.77
N GLY A 551 35.01 -28.75 8.76
CA GLY A 551 34.73 -28.35 7.39
C GLY A 551 33.25 -28.12 7.22
N GLN A 552 32.88 -27.37 6.20
CA GLN A 552 31.47 -27.00 6.19
C GLN A 552 30.76 -27.53 4.93
N PRO A 553 30.32 -28.80 4.91
CA PRO A 553 29.62 -29.31 3.71
C PRO A 553 28.18 -29.71 3.98
N SER A 554 27.35 -28.79 4.46
CA SER A 554 25.97 -29.17 4.76
C SER A 554 25.17 -29.23 3.47
N LEU A 555 24.59 -30.40 3.23
CA LEU A 555 23.74 -30.65 2.07
C LEU A 555 22.47 -29.81 2.08
N LEU A 556 22.11 -29.23 3.22
CA LEU A 556 20.83 -28.54 3.32
C LEU A 556 20.92 -27.08 2.86
N ARG A 557 22.10 -26.62 2.43
CA ARG A 557 22.24 -25.23 1.99
C ARG A 557 21.32 -24.94 0.83
N GLU A 558 21.34 -25.78 -0.20
CA GLU A 558 20.44 -25.57 -1.34
C GLU A 558 19.00 -25.51 -0.87
N THR A 559 18.62 -26.44 0.02
CA THR A 559 17.27 -26.48 0.53
C THR A 559 16.90 -25.18 1.27
N ALA A 560 17.87 -24.54 1.91
CA ALA A 560 17.58 -23.26 2.58
C ALA A 560 17.51 -22.09 1.61
N LEU A 561 18.36 -22.09 0.58
CA LEU A 561 18.46 -20.95 -0.33
C LEU A 561 17.35 -20.94 -1.38
N ILE A 562 16.85 -22.13 -1.76
CA ILE A 562 15.77 -22.23 -2.73
C ILE A 562 14.52 -21.53 -2.21
N TRP A 563 14.30 -21.56 -0.90
CA TRP A 563 13.16 -20.82 -0.36
C TRP A 563 13.31 -19.33 -0.65
N ILE A 564 14.56 -18.85 -0.64
CA ILE A 564 14.80 -17.42 -0.84
C ILE A 564 14.59 -17.05 -2.29
N ASP A 565 15.22 -17.80 -3.20
CA ASP A 565 15.05 -17.51 -4.62
C ASP A 565 13.60 -17.68 -5.05
N VAL A 566 12.93 -18.72 -4.55
CA VAL A 566 11.58 -19.04 -4.98
C VAL A 566 10.57 -18.04 -4.40
N TYR A 567 10.80 -17.57 -3.17
CA TYR A 567 9.99 -16.46 -2.68
C TYR A 567 10.22 -15.22 -3.54
N GLY A 568 11.49 -14.96 -3.89
CA GLY A 568 11.81 -13.77 -4.68
C GLY A 568 11.09 -13.74 -6.02
N GLN A 569 11.15 -14.86 -6.76
CA GLN A 569 10.50 -14.88 -8.06
C GLN A 569 9.00 -15.14 -7.96
N THR A 570 8.53 -15.72 -6.86
CA THR A 570 7.12 -16.06 -6.72
C THR A 570 6.28 -14.85 -6.35
N HIS A 571 6.72 -14.09 -5.34
CA HIS A 571 5.95 -12.94 -4.87
C HIS A 571 6.46 -11.61 -5.42
N TRP A 572 7.77 -11.45 -5.60
CA TRP A 572 8.33 -10.20 -6.06
C TRP A 572 8.84 -10.24 -7.50
N ASP A 573 8.82 -11.40 -8.15
CA ASP A 573 9.24 -11.54 -9.54
C ASP A 573 10.71 -11.15 -9.72
N ILE A 574 11.54 -11.40 -8.71
CA ILE A 574 12.99 -11.33 -8.89
C ILE A 574 13.41 -12.46 -9.84
N THR A 575 14.54 -12.25 -10.52
CA THR A 575 14.86 -13.02 -11.73
C THR A 575 15.01 -14.52 -11.50
N PRO A 576 15.74 -15.00 -10.47
CA PRO A 576 16.59 -14.44 -9.41
C PRO A 576 18.08 -14.64 -9.66
N THR A 577 18.93 -14.02 -8.82
CA THR A 577 20.38 -14.16 -8.96
C THR A 577 21.03 -14.18 -7.58
N THR A 578 22.15 -14.90 -7.49
CA THR A 578 22.95 -15.02 -6.28
C THR A 578 24.38 -14.60 -6.58
N PRO A 579 25.13 -14.14 -5.56
CA PRO A 579 26.54 -13.80 -5.80
C PRO A 579 27.45 -15.03 -5.88
NA NA B . 18.43 -14.59 -4.10
#